data_5AUU
#
_entry.id   5AUU
#
_cell.length_a   47.006
_cell.length_b   62.287
_cell.length_c   88.479
_cell.angle_alpha   90.00
_cell.angle_beta   90.00
_cell.angle_gamma   90.00
#
_symmetry.space_group_name_H-M   'P 21 21 21'
#
loop_
_entity.id
_entity.type
_entity.pdbx_description
1 polymer 'Death-associated protein kinase 1'
2 non-polymer 2-(3,4-dihydroxyphenyl)-5,7-dihydroxy-4H-chromen-4-one
3 water water
#
_entity_poly.entity_id   1
_entity_poly.type   'polypeptide(L)'
_entity_poly.pdbx_seq_one_letter_code
;MTVFRQENVDDYYDTGEELGSGQFAVVKKCREKSTGLQYAAKFIKKRRTKSSRRGVSREDIEREVSILKEIQHPNVITLH
EVYENKTDVILILELVAGGELFDFLAEKESLTEEEATEFLKQILNGVYYLHSLQIAHFDLKPENIMLLDRNVPKPRIKII
DFGLAHKIDFGNEFKNIFGTPEFVAPEIVNYEPLGLEADMWSIGVITYILLSGASPFLGDTKQETLANVSAVNYEFEDEY
FSNTSALAKDFIRRLLVKDPKKRMTIQDSLQHPWIKPKDTQQALSLEHHHHHH
;
_entity_poly.pdbx_strand_id   A
#
loop_
_chem_comp.id
_chem_comp.type
_chem_comp.name
_chem_comp.formula
LU2 non-polymer 2-(3,4-dihydroxyphenyl)-5,7-dihydroxy-4H-chromen-4-one 'C15 H10 O6'
#
# COMPACT_ATOMS: atom_id res chain seq x y z
N THR A 2 -13.51 -10.45 -17.38
CA THR A 2 -14.11 -9.24 -17.93
C THR A 2 -13.21 -8.66 -19.00
N VAL A 3 -13.80 -8.16 -20.08
CA VAL A 3 -12.98 -7.53 -21.11
C VAL A 3 -13.04 -6.03 -20.91
N PHE A 4 -12.01 -5.34 -21.40
CA PHE A 4 -11.90 -3.90 -21.18
C PHE A 4 -11.92 -3.18 -22.51
N ARG A 5 -11.95 -1.86 -22.48
CA ARG A 5 -12.00 -1.04 -23.69
C ARG A 5 -10.79 -1.27 -24.57
N GLN A 6 -11.01 -1.64 -25.82
CA GLN A 6 -9.90 -2.03 -26.68
C GLN A 6 -9.60 -1.02 -27.79
N GLU A 7 -10.27 0.12 -27.76
CA GLU A 7 -9.86 1.26 -28.57
C GLU A 7 -8.47 1.70 -28.16
N ASN A 8 -7.73 2.30 -29.09
CA ASN A 8 -6.39 2.78 -28.79
C ASN A 8 -6.45 3.88 -27.74
N VAL A 9 -5.74 3.70 -26.63
CA VAL A 9 -5.79 4.68 -25.54
C VAL A 9 -5.31 6.04 -26.03
N ASP A 10 -4.39 6.02 -27.00
CA ASP A 10 -3.85 7.25 -27.57
C ASP A 10 -4.89 8.09 -28.32
N ASP A 11 -6.03 7.48 -28.64
CA ASP A 11 -7.10 8.21 -29.32
C ASP A 11 -7.88 9.08 -28.34
N TYR A 12 -7.76 8.79 -27.05
CA TYR A 12 -8.54 9.49 -26.03
C TYR A 12 -7.72 10.21 -24.98
N TYR A 13 -6.44 9.88 -24.90
CA TYR A 13 -5.54 10.47 -23.91
C TYR A 13 -4.20 10.86 -24.54
N ASP A 14 -3.58 11.90 -24.03
CA ASP A 14 -2.21 12.24 -24.38
C ASP A 14 -1.36 12.00 -23.15
N THR A 15 -0.25 11.29 -23.29
CA THR A 15 0.62 11.02 -22.14
C THR A 15 1.73 12.07 -22.03
N GLY A 16 2.32 12.15 -20.84
CA GLY A 16 3.38 13.10 -20.57
C GLY A 16 4.44 12.51 -19.66
N GLU A 17 4.70 13.22 -18.57
CA GLU A 17 5.76 12.86 -17.62
C GLU A 17 5.58 11.45 -17.06
N GLU A 18 6.68 10.70 -16.93
CA GLU A 18 6.61 9.40 -16.26
C GLU A 18 6.53 9.57 -14.74
N LEU A 19 5.60 8.85 -14.11
CA LEU A 19 5.31 9.06 -12.69
C LEU A 19 5.83 7.93 -11.82
N GLY A 20 6.13 6.80 -12.45
CA GLY A 20 6.58 5.63 -11.71
C GLY A 20 6.85 4.46 -12.63
N SER A 21 7.56 3.47 -12.11
CA SER A 21 8.05 2.35 -12.92
C SER A 21 8.31 1.17 -12.01
N GLY A 22 7.98 -0.03 -12.47
CA GLY A 22 8.20 -1.23 -11.68
C GLY A 22 8.43 -2.42 -12.57
N GLN A 23 8.45 -3.61 -11.97
CA GLN A 23 8.79 -4.84 -12.68
C GLN A 23 8.10 -5.06 -14.03
N PHE A 24 6.77 -5.07 -14.02
CA PHE A 24 6.03 -5.27 -15.27
C PHE A 24 5.09 -4.11 -15.55
N ALA A 25 5.42 -2.92 -15.07
CA ALA A 25 4.53 -1.79 -15.25
C ALA A 25 5.25 -0.46 -15.37
N VAL A 26 4.57 0.52 -15.95
CA VAL A 26 5.08 1.89 -15.99
C VAL A 26 3.87 2.79 -15.81
N VAL A 27 4.04 3.91 -15.11
CA VAL A 27 2.94 4.84 -14.90
C VAL A 27 3.27 6.18 -15.55
N LYS A 28 2.37 6.67 -16.39
CA LYS A 28 2.59 7.92 -17.11
C LYS A 28 1.49 8.90 -16.79
N LYS A 29 1.84 10.15 -16.54
CA LYS A 29 0.86 11.21 -16.43
C LYS A 29 0.12 11.32 -17.76
N CYS A 30 -1.20 11.54 -17.72
CA CYS A 30 -1.93 11.69 -18.97
C CYS A 30 -3.06 12.72 -18.86
N ARG A 31 -3.63 13.06 -20.00
CA ARG A 31 -4.69 14.07 -20.07
C ARG A 31 -5.77 13.57 -21.01
N GLU A 32 -7.01 13.50 -20.53
CA GLU A 32 -8.11 13.01 -21.36
C GLU A 32 -8.50 14.12 -22.33
N LYS A 33 -8.56 13.79 -23.61
CA LYS A 33 -8.84 14.79 -24.65
C LYS A 33 -10.21 15.44 -24.51
N SER A 34 -11.21 14.67 -24.09
CA SER A 34 -12.58 15.17 -24.10
C SER A 34 -12.92 16.12 -22.93
N THR A 35 -12.14 16.05 -21.85
CA THR A 35 -12.45 16.83 -20.64
C THR A 35 -11.31 17.75 -20.24
N GLY A 36 -10.11 17.47 -20.74
CA GLY A 36 -8.92 18.19 -20.32
C GLY A 36 -8.46 17.77 -18.94
N LEU A 37 -9.15 16.80 -18.35
CA LEU A 37 -8.80 16.36 -17.01
C LEU A 37 -7.58 15.46 -17.03
N GLN A 38 -6.81 15.50 -15.94
CA GLN A 38 -5.56 14.76 -15.87
C GLN A 38 -5.64 13.55 -14.97
N TYR A 39 -4.87 12.52 -15.34
CA TYR A 39 -4.88 11.22 -14.69
C TYR A 39 -3.49 10.60 -14.68
N ALA A 40 -3.38 9.42 -14.07
CA ALA A 40 -2.16 8.63 -14.16
C ALA A 40 -2.51 7.32 -14.86
N ALA A 41 -1.76 7.00 -15.91
CA ALA A 41 -2.02 5.78 -16.67
C ALA A 41 -1.00 4.74 -16.30
N LYS A 42 -1.45 3.65 -15.67
CA LYS A 42 -0.54 2.54 -15.35
C LYS A 42 -0.67 1.46 -16.40
N PHE A 43 0.40 1.25 -17.16
CA PHE A 43 0.44 0.21 -18.18
C PHE A 43 1.00 -1.06 -17.55
N ILE A 44 0.20 -2.11 -17.51
CA ILE A 44 0.62 -3.38 -16.92
C ILE A 44 0.82 -4.45 -17.98
N LYS A 45 2.04 -4.99 -18.07
CA LYS A 45 2.34 -5.99 -19.10
C LYS A 45 1.58 -7.29 -18.84
N LYS A 46 0.92 -7.80 -19.89
CA LYS A 46 0.20 -9.07 -19.82
C LYS A 46 1.13 -10.26 -20.01
N ARG A 47 0.72 -11.42 -19.49
CA ARG A 47 1.43 -12.67 -19.80
C ARG A 47 1.22 -13.02 -21.26
N ARG A 48 2.28 -13.51 -21.90
CA ARG A 48 2.26 -13.81 -23.32
C ARG A 48 1.89 -15.27 -23.53
N THR A 49 2.10 -16.08 -22.48
CA THR A 49 1.68 -17.49 -22.50
C THR A 49 1.15 -17.87 -21.13
N LYS A 50 0.55 -19.06 -21.03
CA LYS A 50 -0.04 -19.51 -19.78
C LYS A 50 1.01 -19.82 -18.71
N SER A 51 2.09 -20.46 -19.12
CA SER A 51 3.11 -20.94 -18.19
C SER A 51 4.32 -20.02 -18.06
N SER A 52 4.27 -18.85 -18.68
CA SER A 52 5.32 -17.85 -18.52
C SER A 52 5.28 -17.27 -17.11
N ARG A 53 6.39 -16.70 -16.67
CA ARG A 53 6.46 -16.03 -15.37
C ARG A 53 6.65 -14.53 -15.58
N ARG A 54 6.76 -14.12 -16.84
CA ARG A 54 6.89 -12.71 -17.17
C ARG A 54 5.49 -12.11 -17.39
N GLY A 55 5.32 -10.84 -17.02
CA GLY A 55 4.02 -10.17 -17.13
C GLY A 55 3.08 -10.60 -16.03
N VAL A 56 1.87 -10.02 -16.01
CA VAL A 56 0.91 -10.31 -14.96
C VAL A 56 -0.23 -11.16 -15.52
N SER A 57 -0.63 -12.19 -14.78
CA SER A 57 -1.71 -13.08 -15.22
C SER A 57 -3.04 -12.35 -15.32
N ARG A 58 -3.89 -12.79 -16.24
CA ARG A 58 -5.23 -12.22 -16.37
C ARG A 58 -5.97 -12.23 -15.04
N GLU A 59 -5.82 -13.33 -14.33
CA GLU A 59 -6.47 -13.50 -13.04
C GLU A 59 -6.05 -12.42 -12.06
N ASP A 60 -4.75 -12.16 -11.97
CA ASP A 60 -4.25 -11.14 -11.07
C ASP A 60 -4.68 -9.75 -11.51
N ILE A 61 -4.67 -9.51 -12.82
CA ILE A 61 -5.11 -8.22 -13.35
C ILE A 61 -6.60 -8.00 -13.08
N GLU A 62 -7.43 -9.01 -13.34
CA GLU A 62 -8.86 -8.87 -13.12
C GLU A 62 -9.20 -8.69 -11.64
N ARG A 63 -8.45 -9.34 -10.77
CA ARG A 63 -8.67 -9.19 -9.33
C ARG A 63 -8.41 -7.75 -8.92
N GLU A 64 -7.29 -7.20 -9.38
CA GLU A 64 -6.93 -5.82 -9.06
C GLU A 64 -7.96 -4.83 -9.59
N VAL A 65 -8.39 -5.00 -10.84
CA VAL A 65 -9.41 -4.11 -11.39
C VAL A 65 -10.73 -4.22 -10.61
N SER A 66 -11.13 -5.44 -10.24
CA SER A 66 -12.39 -5.63 -9.52
C SER A 66 -12.40 -4.90 -8.18
N ILE A 67 -11.28 -4.98 -7.47
CA ILE A 67 -11.15 -4.26 -6.19
C ILE A 67 -11.18 -2.75 -6.41
N LEU A 68 -10.42 -2.26 -7.37
CA LEU A 68 -10.38 -0.82 -7.65
C LEU A 68 -11.75 -0.27 -8.03
N LYS A 69 -12.55 -1.06 -8.76
CA LYS A 69 -13.88 -0.60 -9.13
C LYS A 69 -14.81 -0.40 -7.94
N GLU A 70 -14.57 -1.13 -6.84
CA GLU A 70 -15.42 -1.08 -5.66
C GLU A 70 -15.19 0.16 -4.80
N ILE A 71 -13.97 0.68 -4.81
CA ILE A 71 -13.58 1.65 -3.78
C ILE A 71 -13.76 3.12 -4.16
N GLN A 72 -14.35 3.88 -3.24
CA GLN A 72 -14.41 5.33 -3.33
C GLN A 72 -14.33 5.89 -1.91
N HIS A 73 -13.19 6.53 -1.62
CA HIS A 73 -12.90 7.07 -0.30
C HIS A 73 -11.79 8.10 -0.46
N PRO A 74 -11.81 9.19 0.35
CA PRO A 74 -10.79 10.22 0.18
C PRO A 74 -9.36 9.71 0.36
N ASN A 75 -9.16 8.62 1.09
CA ASN A 75 -7.80 8.12 1.31
C ASN A 75 -7.38 6.93 0.47
N VAL A 76 -8.16 6.61 -0.54
CA VAL A 76 -7.79 5.56 -1.47
C VAL A 76 -7.87 6.10 -2.88
N ILE A 77 -6.99 5.62 -3.76
CA ILE A 77 -6.97 6.06 -5.15
C ILE A 77 -8.26 5.66 -5.89
N THR A 78 -8.69 6.49 -6.82
CA THR A 78 -9.91 6.26 -7.61
C THR A 78 -9.57 5.81 -9.02
N LEU A 79 -10.24 4.75 -9.49
CA LEU A 79 -10.04 4.27 -10.85
C LEU A 79 -11.05 4.96 -11.77
N HIS A 80 -10.56 5.47 -12.89
CA HIS A 80 -11.40 6.24 -13.83
C HIS A 80 -11.86 5.37 -15.01
N GLU A 81 -10.92 4.68 -15.65
CA GLU A 81 -11.23 3.82 -16.80
C GLU A 81 -10.24 2.67 -16.90
N VAL A 82 -10.58 1.62 -17.64
CA VAL A 82 -9.61 0.58 -17.97
C VAL A 82 -9.61 0.30 -19.47
N TYR A 83 -8.42 0.33 -20.08
CA TYR A 83 -8.23 -0.06 -21.48
C TYR A 83 -7.32 -1.28 -21.55
N GLU A 84 -7.31 -1.96 -22.69
CA GLU A 84 -6.37 -3.05 -22.87
C GLU A 84 -6.04 -3.24 -24.34
N ASN A 85 -4.89 -3.84 -24.60
CA ASN A 85 -4.58 -4.28 -25.94
C ASN A 85 -3.83 -5.59 -25.79
N LYS A 86 -3.24 -6.09 -26.86
CA LYS A 86 -2.58 -7.39 -26.77
C LYS A 86 -1.41 -7.43 -25.77
N THR A 87 -0.74 -6.31 -25.58
CA THR A 87 0.44 -6.27 -24.71
C THR A 87 0.19 -5.83 -23.27
N ASP A 88 -0.77 -4.92 -23.07
CA ASP A 88 -0.96 -4.26 -21.78
C ASP A 88 -2.42 -4.18 -21.36
N VAL A 89 -2.65 -4.12 -20.05
CA VAL A 89 -3.88 -3.56 -19.52
C VAL A 89 -3.49 -2.19 -19.01
N ILE A 90 -4.33 -1.18 -19.25
CA ILE A 90 -3.99 0.20 -18.89
C ILE A 90 -5.02 0.74 -17.92
N LEU A 91 -4.61 0.98 -16.67
CA LEU A 91 -5.49 1.57 -15.67
C LEU A 91 -5.40 3.10 -15.77
N ILE A 92 -6.54 3.76 -15.96
CA ILE A 92 -6.54 5.21 -15.92
C ILE A 92 -6.95 5.58 -14.50
N LEU A 93 -6.03 6.16 -13.73
CA LEU A 93 -6.20 6.35 -12.30
C LEU A 93 -6.21 7.82 -11.92
N GLU A 94 -6.83 8.14 -10.79
CA GLU A 94 -6.81 9.49 -10.27
C GLU A 94 -5.37 10.01 -10.17
N LEU A 95 -5.16 11.26 -10.56
CA LEU A 95 -3.82 11.85 -10.49
C LEU A 95 -3.55 12.41 -9.11
N VAL A 96 -2.43 11.99 -8.54
CA VAL A 96 -1.98 12.45 -7.23
C VAL A 96 -0.54 12.95 -7.42
N ALA A 97 -0.34 14.25 -7.23
CA ALA A 97 0.89 14.89 -7.70
C ALA A 97 1.96 15.22 -6.64
N GLY A 98 1.79 14.76 -5.41
CA GLY A 98 2.74 15.09 -4.36
C GLY A 98 3.80 14.02 -4.10
N GLY A 99 3.83 12.99 -4.93
CA GLY A 99 4.84 11.94 -4.83
C GLY A 99 4.62 10.94 -3.71
N GLU A 100 5.53 9.97 -3.59
CA GLU A 100 5.42 8.93 -2.57
C GLU A 100 5.68 9.46 -1.17
N LEU A 101 4.99 8.90 -0.18
CA LEU A 101 5.34 9.15 1.22
C LEU A 101 6.79 8.75 1.45
N PHE A 102 7.24 7.70 0.75
CA PHE A 102 8.63 7.24 0.84
C PHE A 102 9.63 8.36 0.54
N ASP A 103 9.34 9.18 -0.48
CA ASP A 103 10.26 10.25 -0.88
C ASP A 103 10.13 11.46 0.03
N PHE A 104 8.94 11.68 0.56
CA PHE A 104 8.70 12.75 1.52
C PHE A 104 9.48 12.45 2.79
N LEU A 105 9.48 11.18 3.21
CA LEU A 105 10.18 10.78 4.42
C LEU A 105 11.69 10.88 4.24
N ALA A 106 12.17 10.65 3.03
CA ALA A 106 13.60 10.75 2.73
C ALA A 106 14.10 12.19 2.87
N GLU A 107 13.18 13.15 2.76
CA GLU A 107 13.50 14.55 3.06
C GLU A 107 12.97 14.90 4.46
N SER A 110 12.72 11.87 10.00
CA SER A 110 11.78 11.57 11.09
C SER A 110 10.82 12.71 11.38
N LEU A 111 9.59 12.33 11.72
CA LEU A 111 8.56 13.31 11.98
C LEU A 111 8.32 13.41 13.48
N THR A 112 7.68 14.49 13.91
CA THR A 112 7.17 14.59 15.27
C THR A 112 6.00 13.61 15.39
N GLU A 113 5.53 13.34 16.60
CA GLU A 113 4.36 12.46 16.75
C GLU A 113 3.11 13.06 16.13
N GLU A 114 2.98 14.38 16.18
CA GLU A 114 1.84 15.03 15.53
C GLU A 114 1.89 14.85 14.02
N GLU A 115 3.06 15.11 13.41
CA GLU A 115 3.21 14.94 11.97
C GLU A 115 2.98 13.48 11.58
N ALA A 116 3.46 12.57 12.41
CA ALA A 116 3.27 11.15 12.17
C ALA A 116 1.80 10.75 12.31
N THR A 117 1.13 11.22 13.35
CA THR A 117 -0.28 10.87 13.53
C THR A 117 -1.17 11.54 12.50
N GLU A 118 -0.73 12.68 11.96
CA GLU A 118 -1.44 13.36 10.88
C GLU A 118 -1.53 12.45 9.67
N PHE A 119 -0.41 11.82 9.34
CA PHE A 119 -0.35 10.85 8.25
C PHE A 119 -1.07 9.58 8.64
N LEU A 120 -0.75 9.09 9.84
CA LEU A 120 -1.28 7.80 10.28
C LEU A 120 -2.80 7.78 10.33
N LYS A 121 -3.40 8.85 10.85
CA LYS A 121 -4.85 8.88 10.95
C LYS A 121 -5.51 8.69 9.59
N GLN A 122 -4.90 9.27 8.55
CA GLN A 122 -5.44 9.14 7.20
C GLN A 122 -5.20 7.74 6.66
N ILE A 123 -4.02 7.19 6.92
CA ILE A 123 -3.76 5.81 6.53
C ILE A 123 -4.75 4.88 7.22
N LEU A 124 -4.96 5.08 8.52
CA LEU A 124 -5.90 4.27 9.29
C LEU A 124 -7.33 4.40 8.75
N ASN A 125 -7.74 5.61 8.37
CA ASN A 125 -9.08 5.81 7.84
C ASN A 125 -9.27 5.08 6.52
N GLY A 126 -8.25 5.12 5.67
CA GLY A 126 -8.27 4.44 4.40
C GLY A 126 -8.32 2.94 4.60
N VAL A 127 -7.48 2.44 5.50
CA VAL A 127 -7.51 1.01 5.80
C VAL A 127 -8.81 0.58 6.48
N TYR A 128 -9.39 1.45 7.31
CA TYR A 128 -10.69 1.15 7.93
C TYR A 128 -11.76 0.96 6.85
N TYR A 129 -11.75 1.83 5.85
CA TYR A 129 -12.66 1.69 4.70
C TYR A 129 -12.44 0.35 4.01
N LEU A 130 -11.19 0.01 3.69
CA LEU A 130 -10.90 -1.23 2.99
C LEU A 130 -11.29 -2.48 3.80
N HIS A 131 -10.86 -2.54 5.05
CA HIS A 131 -11.18 -3.68 5.91
C HIS A 131 -12.68 -3.81 6.15
N SER A 132 -13.38 -2.69 6.15
CA SER A 132 -14.84 -2.71 6.26
C SER A 132 -15.49 -3.43 5.10
N LEU A 133 -14.80 -3.44 3.96
CA LEU A 133 -15.28 -4.12 2.75
C LEU A 133 -14.60 -5.47 2.62
N GLN A 134 -13.93 -5.91 3.68
CA GLN A 134 -13.21 -7.18 3.72
C GLN A 134 -12.10 -7.24 2.67
N ILE A 135 -11.53 -6.09 2.37
CA ILE A 135 -10.40 -6.02 1.43
C ILE A 135 -9.09 -5.87 2.18
N ALA A 136 -8.18 -6.83 2.01
CA ALA A 136 -6.84 -6.71 2.55
C ALA A 136 -5.95 -6.18 1.44
N HIS A 137 -5.09 -5.22 1.78
CA HIS A 137 -4.24 -4.59 0.77
C HIS A 137 -3.00 -5.44 0.50
N PHE A 138 -2.38 -5.93 1.57
CA PHE A 138 -1.24 -6.86 1.54
C PHE A 138 0.09 -6.27 1.06
N ASP A 139 0.13 -4.99 0.71
CA ASP A 139 1.38 -4.36 0.28
C ASP A 139 1.52 -2.92 0.83
N LEU A 140 1.07 -2.70 2.06
CA LEU A 140 1.19 -1.36 2.67
C LEU A 140 2.63 -1.05 3.03
N LYS A 141 3.11 0.09 2.54
CA LYS A 141 4.47 0.57 2.77
C LYS A 141 4.50 2.02 2.27
N PRO A 142 5.50 2.82 2.71
CA PRO A 142 5.55 4.25 2.34
C PRO A 142 5.56 4.47 0.83
N GLU A 143 6.16 3.56 0.07
CA GLU A 143 6.14 3.68 -1.39
C GLU A 143 4.73 3.60 -1.98
N ASN A 144 3.81 2.96 -1.26
CA ASN A 144 2.44 2.78 -1.75
C ASN A 144 1.43 3.75 -1.14
N ILE A 145 1.94 4.85 -0.59
CA ILE A 145 1.12 5.94 -0.08
C ILE A 145 1.53 7.19 -0.83
N MET A 146 0.58 7.87 -1.47
CA MET A 146 0.89 9.05 -2.27
C MET A 146 0.35 10.29 -1.57
N LEU A 147 1.00 11.43 -1.80
CA LEU A 147 0.51 12.70 -1.26
C LEU A 147 -0.16 13.51 -2.37
N LEU A 148 -1.26 14.18 -2.05
CA LEU A 148 -1.94 15.06 -3.00
C LEU A 148 -1.07 16.28 -3.31
N ASP A 149 -0.47 16.85 -2.27
CA ASP A 149 0.40 18.03 -2.37
C ASP A 149 1.42 17.96 -1.23
N ARG A 150 2.72 17.93 -1.56
CA ARG A 150 3.74 17.79 -0.52
C ARG A 150 4.26 19.13 0.03
N ASN A 151 3.80 20.24 -0.53
CA ASN A 151 4.17 21.56 0.03
C ASN A 151 3.05 22.19 0.85
N VAL A 152 2.39 21.40 1.69
CA VAL A 152 1.44 21.92 2.67
C VAL A 152 1.87 21.35 4.04
N PRO A 153 1.39 21.95 5.15
CA PRO A 153 1.90 21.47 6.45
C PRO A 153 1.34 20.10 6.81
N LYS A 154 0.13 19.81 6.35
CA LYS A 154 -0.55 18.55 6.64
C LYS A 154 -1.00 17.87 5.35
N PRO A 155 -0.06 17.27 4.61
CA PRO A 155 -0.38 16.68 3.30
C PRO A 155 -1.44 15.60 3.41
N ARG A 156 -2.39 15.60 2.48
CA ARG A 156 -3.40 14.55 2.39
C ARG A 156 -2.85 13.38 1.60
N ILE A 157 -3.26 12.16 1.99
CA ILE A 157 -2.66 10.99 1.38
C ILE A 157 -3.68 10.07 0.75
N LYS A 158 -3.21 9.25 -0.18
CA LYS A 158 -4.04 8.23 -0.79
C LYS A 158 -3.25 6.94 -0.94
N ILE A 159 -3.88 5.83 -0.56
CA ILE A 159 -3.28 4.52 -0.72
C ILE A 159 -3.37 4.09 -2.18
N ILE A 160 -2.27 3.58 -2.73
CA ILE A 160 -2.23 3.09 -4.10
C ILE A 160 -1.75 1.65 -4.17
N ASP A 161 -1.59 1.16 -5.40
CA ASP A 161 -0.96 -0.13 -5.67
C ASP A 161 -1.67 -1.33 -5.06
N PHE A 162 -2.82 -1.67 -5.65
CA PHE A 162 -3.66 -2.75 -5.15
C PHE A 162 -3.39 -4.09 -5.83
N GLY A 163 -2.18 -4.24 -6.37
CA GLY A 163 -1.79 -5.44 -7.11
C GLY A 163 -1.71 -6.72 -6.30
N LEU A 164 -1.64 -6.60 -4.97
CA LEU A 164 -1.67 -7.80 -4.13
C LEU A 164 -2.96 -7.90 -3.33
N ALA A 165 -3.86 -6.94 -3.52
CA ALA A 165 -5.07 -6.86 -2.69
C ALA A 165 -6.02 -8.03 -2.95
N HIS A 166 -6.66 -8.51 -1.89
CA HIS A 166 -7.62 -9.61 -1.97
C HIS A 166 -8.87 -9.36 -1.14
N LYS A 167 -10.00 -9.84 -1.63
CA LYS A 167 -11.20 -9.92 -0.80
C LYS A 167 -11.06 -11.07 0.18
N ILE A 168 -11.41 -10.83 1.44
CA ILE A 168 -11.27 -11.86 2.47
C ILE A 168 -12.68 -12.22 2.94
N ASP A 169 -13.40 -13.00 2.13
CA ASP A 169 -14.79 -13.32 2.43
C ASP A 169 -14.93 -14.52 3.37
N PHE A 170 -13.82 -15.22 3.57
CA PHE A 170 -13.79 -16.39 4.44
C PHE A 170 -12.89 -16.18 5.66
N GLY A 171 -12.59 -14.92 5.99
CA GLY A 171 -11.78 -14.64 7.16
C GLY A 171 -10.30 -14.81 6.91
N ASN A 172 -9.96 -15.68 5.97
CA ASN A 172 -8.57 -15.83 5.54
C ASN A 172 -8.45 -16.29 4.09
N GLU A 173 -7.28 -16.07 3.52
CA GLU A 173 -6.95 -16.54 2.18
C GLU A 173 -5.60 -17.27 2.23
N PHE A 174 -5.47 -18.35 1.46
CA PHE A 174 -4.28 -19.20 1.52
C PHE A 174 -3.73 -19.30 0.10
N LYS A 175 -2.89 -18.33 -0.27
CA LYS A 175 -2.59 -18.06 -1.69
C LYS A 175 -1.11 -17.90 -2.02
N ASN A 176 -0.25 -17.88 -1.00
CA ASN A 176 1.16 -17.52 -1.17
C ASN A 176 1.34 -16.09 -1.71
N ILE A 177 0.48 -15.20 -1.22
CA ILE A 177 0.62 -13.77 -1.40
C ILE A 177 1.87 -13.37 -0.64
N PHE A 178 2.66 -12.45 -1.19
CA PHE A 178 3.94 -12.09 -0.59
C PHE A 178 4.45 -10.74 -1.14
N GLY A 179 4.54 -9.75 -0.26
CA GLY A 179 5.01 -8.43 -0.65
C GLY A 179 6.47 -8.18 -0.29
N THR A 180 6.75 -6.97 0.16
CA THR A 180 8.12 -6.51 0.46
C THR A 180 8.58 -6.98 1.84
N PRO A 181 9.71 -7.70 1.90
CA PRO A 181 10.22 -8.29 3.14
C PRO A 181 10.19 -7.36 4.37
N GLU A 182 10.57 -6.09 4.23
CA GLU A 182 10.59 -5.18 5.38
C GLU A 182 9.23 -4.97 6.05
N PHE A 183 8.16 -5.20 5.30
CA PHE A 183 6.81 -4.80 5.71
C PHE A 183 5.83 -5.95 5.89
N VAL A 184 6.20 -7.14 5.45
CA VAL A 184 5.29 -8.28 5.56
C VAL A 184 5.21 -8.85 6.96
N ALA A 185 4.02 -9.33 7.32
CA ALA A 185 3.77 -9.91 8.63
C ALA A 185 4.37 -11.32 8.67
N PRO A 186 4.61 -11.85 9.88
CA PRO A 186 5.15 -13.20 10.05
C PRO A 186 4.33 -14.26 9.33
N GLU A 187 3.01 -14.14 9.31
CA GLU A 187 2.19 -15.14 8.62
C GLU A 187 2.47 -15.19 7.12
N ILE A 188 2.86 -14.07 6.55
CA ILE A 188 3.26 -14.04 5.14
C ILE A 188 4.62 -14.72 4.99
N VAL A 189 5.54 -14.41 5.88
CA VAL A 189 6.88 -15.00 5.86
C VAL A 189 6.81 -16.51 5.99
N ASN A 190 5.86 -16.98 6.78
CA ASN A 190 5.70 -18.41 7.08
C ASN A 190 4.71 -19.12 6.16
N TYR A 191 4.20 -18.42 5.16
CA TYR A 191 3.26 -18.98 4.17
C TYR A 191 2.00 -19.56 4.80
N GLU A 192 1.47 -18.86 5.78
CA GLU A 192 0.29 -19.29 6.50
C GLU A 192 -0.97 -18.57 5.98
N PRO A 193 -2.16 -19.03 6.40
CA PRO A 193 -3.35 -18.32 5.92
C PRO A 193 -3.32 -16.87 6.34
N LEU A 194 -3.83 -16.00 5.48
CA LEU A 194 -3.67 -14.56 5.66
C LEU A 194 -5.02 -13.88 5.72
N GLY A 195 -5.13 -12.82 6.50
CA GLY A 195 -6.36 -12.07 6.59
C GLY A 195 -6.06 -10.60 6.74
N LEU A 196 -7.05 -9.84 7.22
CA LEU A 196 -6.91 -8.40 7.40
C LEU A 196 -5.78 -8.06 8.38
N GLU A 197 -5.44 -9.01 9.27
CA GLU A 197 -4.47 -8.76 10.32
C GLU A 197 -3.10 -8.40 9.77
N ALA A 198 -2.76 -8.94 8.61
CA ALA A 198 -1.45 -8.70 8.02
C ALA A 198 -1.24 -7.22 7.70
N ASP A 199 -2.30 -6.53 7.29
CA ASP A 199 -2.20 -5.09 7.06
C ASP A 199 -1.87 -4.33 8.33
N MET A 200 -2.36 -4.80 9.48
CA MET A 200 -2.14 -4.07 10.72
C MET A 200 -0.69 -4.19 11.18
N TRP A 201 -0.06 -5.33 10.93
CA TRP A 201 1.37 -5.45 11.17
C TRP A 201 2.12 -4.43 10.31
N SER A 202 1.79 -4.38 9.02
CA SER A 202 2.46 -3.44 8.12
C SER A 202 2.33 -1.99 8.61
N ILE A 203 1.17 -1.64 9.14
CA ILE A 203 0.94 -0.31 9.70
C ILE A 203 1.87 -0.07 10.89
N GLY A 204 2.10 -1.11 11.69
CA GLY A 204 3.06 -1.01 12.79
C GLY A 204 4.48 -0.72 12.30
N VAL A 205 4.90 -1.37 11.22
CA VAL A 205 6.21 -1.12 10.64
C VAL A 205 6.28 0.32 10.11
N ILE A 206 5.26 0.73 9.37
CA ILE A 206 5.18 2.11 8.88
C ILE A 206 5.28 3.12 10.04
N THR A 207 4.59 2.85 11.14
CA THR A 207 4.60 3.79 12.27
C THR A 207 5.99 3.91 12.89
N TYR A 208 6.65 2.77 13.08
CA TYR A 208 8.02 2.75 13.59
C TYR A 208 8.93 3.62 12.71
N ILE A 209 8.82 3.46 11.39
CA ILE A 209 9.60 4.22 10.43
C ILE A 209 9.28 5.72 10.48
N LEU A 210 7.99 6.06 10.58
CA LEU A 210 7.59 7.46 10.63
C LEU A 210 8.22 8.19 11.81
N LEU A 211 8.31 7.51 12.95
CA LEU A 211 8.76 8.13 14.19
C LEU A 211 10.28 8.18 14.35
N SER A 212 10.99 7.25 13.70
CA SER A 212 12.42 7.07 13.93
C SER A 212 13.31 7.24 12.72
N GLY A 213 12.74 7.05 11.53
CA GLY A 213 13.52 7.08 10.30
C GLY A 213 14.29 5.77 10.10
N ALA A 214 14.00 4.78 10.93
CA ALA A 214 14.67 3.49 10.87
C ALA A 214 13.64 2.39 10.64
N SER A 215 14.07 1.28 10.02
CA SER A 215 13.21 0.12 9.73
C SER A 215 13.42 -0.92 10.84
N PRO A 216 12.31 -1.44 11.43
CA PRO A 216 12.50 -2.27 12.63
C PRO A 216 13.14 -3.65 12.41
N PHE A 217 12.96 -4.26 11.24
CA PHE A 217 13.37 -5.64 11.00
C PHE A 217 14.45 -5.78 9.92
N LEU A 218 14.86 -4.65 9.35
CA LEU A 218 15.71 -4.67 8.16
C LEU A 218 17.06 -5.29 8.44
N GLY A 219 17.39 -6.34 7.71
CA GLY A 219 18.71 -6.96 7.80
C GLY A 219 19.58 -6.63 6.59
N ASP A 220 20.75 -7.26 6.50
CA ASP A 220 21.66 -6.99 5.39
C ASP A 220 21.28 -7.72 4.12
N THR A 221 20.45 -8.76 4.26
CA THR A 221 19.95 -9.49 3.09
C THR A 221 18.45 -9.69 3.27
N LYS A 222 17.77 -10.08 2.20
CA LYS A 222 16.33 -10.34 2.28
C LYS A 222 16.03 -11.48 3.25
N GLN A 223 16.85 -12.52 3.21
CA GLN A 223 16.61 -13.66 4.11
C GLN A 223 16.73 -13.27 5.58
N GLU A 224 17.68 -12.39 5.90
CA GLU A 224 17.83 -11.90 7.26
C GLU A 224 16.60 -11.10 7.70
N THR A 225 16.12 -10.23 6.81
CA THR A 225 14.93 -9.43 7.13
C THR A 225 13.74 -10.34 7.44
N LEU A 226 13.55 -11.35 6.61
CA LEU A 226 12.43 -12.28 6.78
C LEU A 226 12.56 -13.07 8.06
N ALA A 227 13.79 -13.45 8.39
CA ALA A 227 14.02 -14.21 9.62
C ALA A 227 13.74 -13.33 10.82
N ASN A 228 14.10 -12.06 10.73
CA ASN A 228 13.86 -11.10 11.81
C ASN A 228 12.37 -10.87 12.04
N VAL A 229 11.63 -10.80 10.94
CA VAL A 229 10.19 -10.60 11.00
C VAL A 229 9.52 -11.77 11.70
N SER A 230 9.88 -12.99 11.29
CA SER A 230 9.27 -14.18 11.85
C SER A 230 9.55 -14.31 13.35
N ALA A 231 10.74 -13.87 13.78
CA ALA A 231 11.12 -13.94 15.18
C ALA A 231 10.71 -12.72 16.00
N VAL A 232 10.04 -11.76 15.35
CA VAL A 232 9.70 -10.48 15.96
C VAL A 232 10.95 -9.84 16.58
N ASN A 233 12.03 -9.85 15.79
CA ASN A 233 13.33 -9.34 16.22
C ASN A 233 13.43 -7.84 15.95
N TYR A 234 12.84 -7.04 16.82
CA TYR A 234 12.98 -5.58 16.75
C TYR A 234 13.00 -5.00 18.16
N GLU A 235 13.56 -3.81 18.28
CA GLU A 235 13.54 -3.11 19.55
C GLU A 235 13.49 -1.60 19.30
N PHE A 236 13.10 -0.84 20.32
CA PHE A 236 13.08 0.61 20.20
C PHE A 236 14.41 1.18 20.63
N GLU A 237 15.29 1.45 19.68
CA GLU A 237 16.61 2.00 20.02
C GLU A 237 16.48 3.35 20.71
N ASP A 238 17.14 3.50 21.85
CA ASP A 238 17.08 4.77 22.57
C ASP A 238 17.54 5.96 21.74
N GLU A 239 18.54 5.76 20.88
CA GLU A 239 19.05 6.87 20.07
C GLU A 239 17.94 7.46 19.19
N TYR A 240 16.97 6.63 18.80
CA TYR A 240 15.87 7.03 17.92
C TYR A 240 14.62 7.44 18.69
N PHE A 241 14.37 6.74 19.78
CA PHE A 241 13.07 6.84 20.45
C PHE A 241 13.10 7.54 21.81
N SER A 242 14.24 8.13 22.19
CA SER A 242 14.38 8.74 23.51
C SER A 242 13.38 9.87 23.79
N ASN A 243 12.98 10.58 22.75
CA ASN A 243 12.02 11.68 22.88
C ASN A 243 10.62 11.27 22.44
N THR A 244 10.43 9.98 22.14
CA THR A 244 9.14 9.46 21.70
C THR A 244 8.31 8.99 22.91
N SER A 245 7.01 9.27 22.90
CA SER A 245 6.18 8.96 24.06
C SER A 245 6.02 7.46 24.26
N ALA A 246 5.77 7.05 25.50
CA ALA A 246 5.56 5.62 25.74
C ALA A 246 4.26 5.13 25.08
N LEU A 247 3.30 6.03 24.90
CA LEU A 247 2.03 5.67 24.25
C LEU A 247 2.24 5.34 22.79
N ALA A 248 3.11 6.11 22.12
CA ALA A 248 3.46 5.79 20.73
C ALA A 248 4.13 4.43 20.62
N LYS A 249 5.03 4.14 21.55
CA LYS A 249 5.66 2.81 21.55
C LYS A 249 4.63 1.71 21.80
N ASP A 250 3.69 1.97 22.69
CA ASP A 250 2.61 1.04 23.00
C ASP A 250 1.78 0.73 21.75
N PHE A 251 1.47 1.75 20.97
CA PHE A 251 0.73 1.56 19.72
C PHE A 251 1.48 0.60 18.79
N ILE A 252 2.77 0.85 18.60
CA ILE A 252 3.58 -0.01 17.76
C ILE A 252 3.67 -1.41 18.34
N ARG A 253 3.88 -1.50 19.65
CA ARG A 253 4.05 -2.81 20.27
C ARG A 253 2.83 -3.71 20.09
N ARG A 254 1.63 -3.12 20.09
CA ARG A 254 0.42 -3.91 20.00
C ARG A 254 0.07 -4.28 18.56
N LEU A 255 0.84 -3.76 17.61
CA LEU A 255 0.66 -4.11 16.20
C LEU A 255 1.72 -5.11 15.76
N LEU A 256 2.94 -4.99 16.28
CA LEU A 256 4.02 -5.89 15.91
C LEU A 256 4.00 -7.16 16.79
N VAL A 257 2.90 -7.89 16.65
CA VAL A 257 2.55 -9.02 17.49
C VAL A 257 2.44 -10.22 16.56
N LYS A 258 3.17 -11.29 16.85
CA LYS A 258 3.26 -12.43 15.93
C LYS A 258 1.91 -13.13 15.69
N ASP A 259 1.18 -13.37 16.77
CA ASP A 259 -0.11 -14.06 16.68
C ASP A 259 -1.14 -13.06 16.13
N PRO A 260 -1.66 -13.33 14.93
CA PRO A 260 -2.55 -12.37 14.27
C PRO A 260 -3.80 -12.14 15.10
N LYS A 261 -4.23 -13.16 15.84
CA LYS A 261 -5.43 -13.05 16.66
C LYS A 261 -5.24 -12.11 17.85
N LYS A 262 -3.99 -11.90 18.26
CA LYS A 262 -3.71 -11.02 19.38
C LYS A 262 -3.31 -9.61 18.94
N ARG A 263 -3.16 -9.41 17.64
CA ARG A 263 -2.76 -8.12 17.07
C ARG A 263 -3.92 -7.14 17.13
N MET A 264 -3.65 -5.84 17.29
CA MET A 264 -4.72 -4.86 17.20
C MET A 264 -5.39 -4.91 15.82
N THR A 265 -6.72 -4.80 15.80
CA THR A 265 -7.47 -4.70 14.55
C THR A 265 -7.49 -3.24 14.14
N ILE A 266 -8.01 -2.97 12.94
CA ILE A 266 -8.10 -1.57 12.49
C ILE A 266 -8.98 -0.76 13.44
N GLN A 267 -10.06 -1.36 13.93
CA GLN A 267 -10.93 -0.67 14.89
C GLN A 267 -10.21 -0.42 16.22
N ASP A 268 -9.44 -1.41 16.68
CA ASP A 268 -8.59 -1.23 17.86
C ASP A 268 -7.64 -0.05 17.69
N SER A 269 -7.04 0.06 16.51
CA SER A 269 -6.04 1.10 16.26
C SER A 269 -6.63 2.51 16.33
N LEU A 270 -7.88 2.66 15.88
CA LEU A 270 -8.56 3.95 15.90
C LEU A 270 -9.01 4.35 17.32
N GLN A 271 -9.15 3.36 18.19
CA GLN A 271 -9.58 3.60 19.57
C GLN A 271 -8.41 3.69 20.55
N HIS A 272 -7.22 3.38 20.07
CA HIS A 272 -6.01 3.39 20.91
C HIS A 272 -5.77 4.82 21.39
N PRO A 273 -5.41 4.97 22.68
CA PRO A 273 -5.26 6.31 23.29
C PRO A 273 -4.30 7.24 22.56
N TRP A 274 -3.33 6.70 21.81
CA TRP A 274 -2.41 7.54 21.06
C TRP A 274 -3.10 8.19 19.88
N ILE A 275 -4.12 7.50 19.34
CA ILE A 275 -4.83 7.95 18.16
C ILE A 275 -6.14 8.68 18.50
N LYS A 276 -6.93 8.07 19.39
CA LYS A 276 -8.26 8.59 19.75
C LYS A 276 -8.12 9.99 20.37
N PRO A 277 -8.87 10.97 19.84
CA PRO A 277 -8.65 12.36 20.25
C PRO A 277 -9.31 12.69 21.59
C1 LU2 B . -1.69 7.42 -9.17
O1 LU2 B . -1.87 9.74 -9.45
C2 LU2 B . -1.08 8.65 -9.37
O2 LU2 B . 2.43 7.62 -9.48
C3 LU2 B . 0.31 8.75 -9.48
O3 LU2 B . 2.48 5.25 -9.26
C4 LU2 B . 1.07 7.59 -9.38
O4 LU2 B . -1.51 5.08 -8.88
C5 LU2 B . 0.47 6.35 -9.18
O5 LU2 B . -1.48 -0.81 -9.16
C6 LU2 B . -0.91 6.29 -9.08
O6 LU2 B . -3.93 -0.50 -8.07
C7 LU2 B . 1.25 5.20 -9.12
C8 LU2 B . 0.61 3.97 -8.98
C9 LU2 B . -0.77 3.95 -8.86
C10 LU2 B . -1.55 2.81 -8.68
C11 LU2 B . -1.08 1.55 -9.03
C12 LU2 B . -1.90 0.45 -8.83
C13 LU2 B . -3.18 0.61 -8.28
C14 LU2 B . -3.65 1.86 -7.93
C15 LU2 B . -2.82 2.97 -8.13
#